data_5E8I
#
_entry.id   5E8I
#
_cell.length_a   86.647
_cell.length_b   86.647
_cell.length_c   230.282
_cell.angle_alpha   90.00
_cell.angle_beta   90.00
_cell.angle_gamma   120.00
#
_symmetry.space_group_name_H-M   'P 31 2 1'
#
loop_
_entity.id
_entity.type
_entity.pdbx_description
1 polymer 'Friend leukemia integration 1 transcription factor'
2 polymer "DNA (5'-D(*AP*CP*CP*GP*GP*AP*AP*GP*TP*G)-3')"
3 polymer "DNA (5'-D(*CP*AP*CP*TP*TP*CP*CP*GP*GP*T)-3')"
4 non-polymer 'CALCIUM ION'
5 water water
#
loop_
_entity_poly.entity_id
_entity_poly.type
_entity_poly.pdbx_seq_one_letter_code
_entity_poly.pdbx_strand_id
1 'polypeptide(L)'
;GPHMPGSGQIQLWQFLLELLSDSANASCITWEGTNGEFKMTDPDEVARRWGERKSKPNMNYDKLSRALRYYYDKNIMTKV
HGKRYAYKFDFHGIAQALQPHPTESSMYKYPSDISYMPSYHAHQQKVN
;
A,D,G,J
2 'polydeoxyribonucleotide' (DA)(DC)(DC)(DG)(DG)(DA)(DA)(DG)(DT)(DG) B,E,H,K
3 'polydeoxyribonucleotide' (DC)(DA)(DC)(DT)(DT)(DC)(DC)(DG)(DG)(DT) C,F,I,L
#
loop_
_chem_comp.id
_chem_comp.type
_chem_comp.name
_chem_comp.formula
CA non-polymer 'CALCIUM ION' 'Ca 2'
DA DNA linking 2'-DEOXYADENOSINE-5'-MONOPHOSPHATE 'C10 H14 N5 O6 P'
DC DNA linking 2'-DEOXYCYTIDINE-5'-MONOPHOSPHATE 'C9 H14 N3 O7 P'
DG DNA linking 2'-DEOXYGUANOSINE-5'-MONOPHOSPHATE 'C10 H14 N5 O7 P'
DT DNA linking THYMIDINE-5'-MONOPHOSPHATE 'C10 H15 N2 O8 P'
#
# COMPACT_ATOMS: atom_id res chain seq x y z
N GLY A 8 -18.61 -12.55 -1.83
CA GLY A 8 -17.76 -12.51 -0.61
C GLY A 8 -16.32 -12.12 -0.89
N GLN A 9 -15.69 -11.44 0.07
CA GLN A 9 -14.29 -10.99 -0.02
C GLN A 9 -14.04 -9.92 -1.11
N ILE A 10 -15.10 -9.22 -1.53
CA ILE A 10 -15.04 -8.32 -2.70
C ILE A 10 -15.09 -6.85 -2.28
N GLN A 11 -14.43 -6.00 -3.05
CA GLN A 11 -14.44 -4.55 -2.84
C GLN A 11 -15.64 -3.93 -3.56
N LEU A 12 -16.00 -2.70 -3.18
CA LEU A 12 -17.11 -1.97 -3.82
C LEU A 12 -16.71 -1.47 -5.21
N TRP A 13 -15.50 -0.92 -5.33
CA TRP A 13 -14.98 -0.48 -6.63
C TRP A 13 -14.88 -1.64 -7.64
N GLN A 14 -14.45 -2.82 -7.18
CA GLN A 14 -14.43 -4.02 -8.02
C GLN A 14 -15.83 -4.43 -8.46
N PHE A 15 -16.77 -4.37 -7.52
CA PHE A 15 -18.17 -4.73 -7.78
C PHE A 15 -18.84 -3.84 -8.82
N LEU A 16 -18.57 -2.53 -8.77
CA LEU A 16 -19.13 -1.59 -9.76
C LEU A 16 -18.58 -1.84 -11.16
N LEU A 17 -17.28 -2.09 -11.27
CA LEU A 17 -16.65 -2.45 -12.55
C LEU A 17 -17.16 -3.79 -13.10
N GLU A 18 -17.51 -4.71 -12.19
CA GLU A 18 -18.14 -5.98 -12.57
C GLU A 18 -19.49 -5.72 -13.23
N LEU A 19 -20.31 -4.90 -12.60
CA LEU A 19 -21.62 -4.53 -13.15
C LEU A 19 -21.50 -3.72 -14.44
N LEU A 20 -20.53 -2.81 -14.49
CA LEU A 20 -20.31 -1.95 -15.66
C LEU A 20 -19.75 -2.68 -16.90
N SER A 21 -19.13 -3.84 -16.70
CA SER A 21 -18.61 -4.65 -17.82
C SER A 21 -19.74 -5.22 -18.66
N ASP A 22 -20.74 -5.80 -17.98
CA ASP A 22 -21.95 -6.32 -18.63
C ASP A 22 -22.92 -5.17 -18.94
N SER A 23 -23.17 -4.94 -20.24
CA SER A 23 -24.09 -3.89 -20.68
C SER A 23 -25.57 -4.21 -20.42
N ALA A 24 -25.88 -5.48 -20.15
CA ALA A 24 -27.22 -5.89 -19.67
C ALA A 24 -27.66 -5.16 -18.41
N ASN A 25 -26.69 -4.77 -17.57
CA ASN A 25 -26.96 -3.96 -16.37
C ASN A 25 -27.23 -2.46 -16.64
N ALA A 26 -27.40 -2.06 -17.92
CA ALA A 26 -27.69 -0.67 -18.29
C ALA A 26 -28.95 -0.07 -17.65
N SER A 27 -29.90 -0.91 -17.25
CA SER A 27 -31.08 -0.48 -16.50
C SER A 27 -30.74 0.24 -15.20
N CYS A 28 -29.74 -0.26 -14.47
CA CYS A 28 -29.33 0.32 -13.19
C CYS A 28 -28.06 1.18 -13.25
N ILE A 29 -27.06 0.76 -14.02
CA ILE A 29 -25.77 1.48 -14.09
C ILE A 29 -25.09 1.33 -15.46
N THR A 30 -24.44 2.39 -15.91
CA THR A 30 -23.81 2.42 -17.24
C THR A 30 -22.69 3.46 -17.34
N TRP A 31 -21.74 3.21 -18.25
CA TRP A 31 -20.70 4.18 -18.57
C TRP A 31 -21.34 5.38 -19.26
N GLU A 32 -20.82 6.57 -18.97
CA GLU A 32 -21.33 7.80 -19.57
C GLU A 32 -20.34 8.95 -19.38
N GLY A 33 -19.86 9.51 -20.49
CA GLY A 33 -18.94 10.66 -20.48
C GLY A 33 -17.52 10.26 -20.81
N THR A 34 -16.57 11.04 -20.29
CA THR A 34 -15.14 10.79 -20.54
C THR A 34 -14.66 9.51 -19.83
N ASN A 35 -13.41 9.12 -20.10
CA ASN A 35 -12.84 7.90 -19.53
C ASN A 35 -12.89 7.89 -18.00
N GLY A 36 -13.56 6.89 -17.45
CA GLY A 36 -13.80 6.78 -16.00
C GLY A 36 -15.22 7.09 -15.57
N GLU A 37 -15.86 8.05 -16.24
CA GLU A 37 -17.18 8.53 -15.83
C GLU A 37 -18.30 7.51 -16.11
N PHE A 38 -19.08 7.23 -15.07
CA PHE A 38 -20.28 6.41 -15.17
C PHE A 38 -21.42 7.06 -14.39
N LYS A 39 -22.65 6.57 -14.59
CA LYS A 39 -23.80 7.01 -13.79
C LYS A 39 -24.72 5.84 -13.44
N MET A 40 -25.44 6.00 -12.33
CA MET A 40 -26.41 5.03 -11.86
C MET A 40 -27.81 5.49 -12.25
N THR A 41 -28.39 4.84 -13.27
CA THR A 41 -29.76 5.15 -13.71
C THR A 41 -30.83 4.63 -12.75
N ASP A 42 -30.47 3.66 -11.90
CA ASP A 42 -31.33 3.21 -10.80
C ASP A 42 -30.44 3.01 -9.55
N PRO A 43 -30.11 4.11 -8.85
CA PRO A 43 -29.22 4.08 -7.68
C PRO A 43 -29.62 3.08 -6.59
N ASP A 44 -30.94 2.98 -6.35
CA ASP A 44 -31.48 2.08 -5.32
C ASP A 44 -31.29 0.61 -5.70
N GLU A 45 -31.45 0.29 -6.97
CA GLU A 45 -31.22 -1.07 -7.48
C GLU A 45 -29.76 -1.49 -7.36
N VAL A 46 -28.85 -0.54 -7.54
CA VAL A 46 -27.40 -0.80 -7.38
C VAL A 46 -27.09 -1.10 -5.91
N ALA A 47 -27.61 -0.26 -5.01
CA ALA A 47 -27.45 -0.44 -3.56
C ALA A 47 -28.02 -1.77 -3.06
N ARG A 48 -29.13 -2.21 -3.64
CA ARG A 48 -29.76 -3.47 -3.28
C ARG A 48 -28.86 -4.65 -3.63
N ARG A 49 -28.30 -4.65 -4.84
CA ARG A 49 -27.39 -5.70 -5.29
C ARG A 49 -26.07 -5.72 -4.51
N TRP A 50 -25.64 -4.56 -4.02
CA TRP A 50 -24.44 -4.46 -3.19
C TRP A 50 -24.68 -5.10 -1.81
N GLY A 51 -25.85 -4.83 -1.23
CA GLY A 51 -26.30 -5.51 -0.02
C GLY A 51 -26.54 -6.99 -0.24
N GLU A 52 -27.08 -7.34 -1.42
CA GLU A 52 -27.25 -8.73 -1.83
C GLU A 52 -25.90 -9.46 -1.92
N ARG A 53 -24.89 -8.78 -2.47
CA ARG A 53 -23.54 -9.35 -2.60
C ARG A 53 -22.86 -9.47 -1.24
N LYS A 54 -22.85 -8.38 -0.48
CA LYS A 54 -22.20 -8.36 0.84
C LYS A 54 -22.99 -9.04 1.97
N SER A 55 -24.25 -9.40 1.71
CA SER A 55 -25.17 -9.96 2.72
C SER A 55 -25.39 -8.95 3.85
N LYS A 56 -25.84 -7.77 3.46
CA LYS A 56 -26.07 -6.64 4.36
C LYS A 56 -27.39 -5.95 3.92
N PRO A 57 -28.54 -6.53 4.33
CA PRO A 57 -29.84 -6.20 3.72
C PRO A 57 -30.34 -4.75 3.92
N ASN A 58 -29.85 -4.05 4.94
CA ASN A 58 -30.22 -2.65 5.18
C ASN A 58 -29.47 -1.61 4.33
N MET A 59 -28.68 -2.06 3.35
CA MET A 59 -27.93 -1.17 2.47
C MET A 59 -28.87 -0.32 1.61
N ASN A 60 -28.55 0.96 1.50
CA ASN A 60 -29.21 1.89 0.57
C ASN A 60 -28.17 2.78 -0.09
N TYR A 61 -28.61 3.70 -0.96
CA TYR A 61 -27.70 4.63 -1.61
C TYR A 61 -26.97 5.54 -0.62
N ASP A 62 -27.67 5.98 0.43
CA ASP A 62 -27.07 6.87 1.44
C ASP A 62 -25.82 6.24 2.10
N LYS A 63 -25.93 4.97 2.44
CA LYS A 63 -24.81 4.21 3.01
C LYS A 63 -23.73 3.88 1.97
N LEU A 64 -24.16 3.54 0.76
CA LEU A 64 -23.26 3.24 -0.36
C LEU A 64 -22.45 4.45 -0.80
N SER A 65 -23.08 5.62 -0.81
CA SER A 65 -22.43 6.87 -1.23
C SER A 65 -21.27 7.26 -0.29
N ARG A 66 -21.41 7.00 1.00
CA ARG A 66 -20.34 7.26 1.97
C ARG A 66 -19.14 6.34 1.79
N ALA A 67 -19.39 5.09 1.38
CA ALA A 67 -18.31 4.19 0.97
C ALA A 67 -17.51 4.79 -0.18
N LEU A 68 -18.22 5.39 -1.15
CA LEU A 68 -17.58 6.06 -2.29
C LEU A 68 -16.90 7.39 -1.93
N ARG A 69 -17.37 8.06 -0.88
CA ARG A 69 -16.68 9.28 -0.39
C ARG A 69 -15.32 8.99 0.26
N TYR A 70 -15.16 7.79 0.83
CA TYR A 70 -13.84 7.35 1.34
C TYR A 70 -12.83 7.15 0.20
N TYR A 71 -13.30 6.79 -0.99
CA TYR A 71 -12.44 6.67 -2.17
C TYR A 71 -11.86 8.00 -2.68
N TYR A 72 -12.40 9.14 -2.25
CA TYR A 72 -11.90 10.44 -2.69
C TYR A 72 -10.48 10.71 -2.19
N ASP A 73 -10.25 10.47 -0.90
CA ASP A 73 -8.91 10.61 -0.31
C ASP A 73 -7.95 9.50 -0.76
N LYS A 74 -8.49 8.32 -1.12
CA LYS A 74 -7.69 7.23 -1.68
C LYS A 74 -7.31 7.42 -3.17
N ASN A 75 -7.92 8.40 -3.83
CA ASN A 75 -7.76 8.63 -5.28
C ASN A 75 -8.21 7.44 -6.14
N ILE A 76 -9.18 6.68 -5.63
CA ILE A 76 -9.75 5.51 -6.35
C ILE A 76 -10.89 5.96 -7.24
N MET A 77 -11.66 6.96 -6.80
CA MET A 77 -12.63 7.64 -7.66
C MET A 77 -12.98 9.05 -7.17
N THR A 78 -13.77 9.76 -7.97
CA THR A 78 -14.18 11.14 -7.69
C THR A 78 -15.58 11.42 -8.23
N LYS A 79 -16.21 12.49 -7.74
CA LYS A 79 -17.58 12.86 -8.14
C LYS A 79 -17.62 13.75 -9.37
N VAL A 80 -18.46 13.40 -10.33
CA VAL A 80 -18.78 14.26 -11.47
C VAL A 80 -19.73 15.33 -10.94
N HIS A 81 -19.20 16.54 -10.76
CA HIS A 81 -19.94 17.62 -10.09
C HIS A 81 -21.03 18.16 -11.00
N GLY A 82 -22.27 18.15 -10.49
CA GLY A 82 -23.43 18.65 -11.24
C GLY A 82 -24.35 17.53 -11.69
N LYS A 83 -23.81 16.59 -12.45
CA LYS A 83 -24.57 15.43 -12.91
C LYS A 83 -24.74 14.45 -11.77
N ARG A 84 -25.99 14.20 -11.38
CA ARG A 84 -26.29 13.45 -10.15
C ARG A 84 -26.25 11.93 -10.38
N TYR A 85 -25.89 11.21 -9.31
CA TYR A 85 -25.64 9.76 -9.32
C TYR A 85 -24.51 9.34 -10.28
N ALA A 86 -23.57 10.25 -10.54
CA ALA A 86 -22.52 10.05 -11.54
C ALA A 86 -21.15 10.23 -10.91
N TYR A 87 -20.33 9.18 -10.97
CA TYR A 87 -18.97 9.18 -10.42
C TYR A 87 -17.95 8.83 -11.49
N LYS A 88 -16.69 9.07 -11.20
CA LYS A 88 -15.59 8.88 -12.14
C LYS A 88 -14.44 8.10 -11.48
N PHE A 89 -14.19 6.88 -11.96
CA PHE A 89 -13.02 6.10 -11.54
C PHE A 89 -11.73 6.84 -11.87
N ASP A 90 -10.74 6.71 -10.99
CA ASP A 90 -9.43 7.35 -11.15
C ASP A 90 -8.37 6.26 -11.16
N PHE A 91 -7.59 6.19 -12.24
CA PHE A 91 -6.62 5.11 -12.44
C PHE A 91 -5.48 5.08 -11.41
N HIS A 92 -5.14 6.23 -10.83
CA HIS A 92 -4.07 6.31 -9.82
C HIS A 92 -4.35 5.37 -8.64
N GLY A 93 -5.56 5.46 -8.08
CA GLY A 93 -5.99 4.59 -6.98
C GLY A 93 -6.32 3.18 -7.42
N ILE A 94 -6.94 3.03 -8.58
CA ILE A 94 -7.30 1.70 -9.12
C ILE A 94 -6.05 0.86 -9.41
N ALA A 95 -4.98 1.53 -9.85
CA ALA A 95 -3.69 0.87 -10.05
C ALA A 95 -3.15 0.31 -8.73
N GLN A 96 -3.04 1.18 -7.74
CA GLN A 96 -2.52 0.80 -6.40
C GLN A 96 -3.41 -0.23 -5.72
N ALA A 97 -4.73 -0.05 -5.84
CA ALA A 97 -5.70 -0.96 -5.23
C ALA A 97 -5.69 -2.38 -5.84
N LEU A 98 -5.27 -2.50 -7.09
CA LEU A 98 -5.22 -3.80 -7.77
C LEU A 98 -4.06 -4.69 -7.31
N GLN A 99 -2.95 -4.08 -6.87
CA GLN A 99 -1.79 -4.83 -6.38
C GLN A 99 -2.04 -5.49 -5.01
N PRO A 100 -1.24 -6.54 -4.68
CA PRO A 100 -1.19 -7.09 -3.33
C PRO A 100 -0.07 -6.47 -2.51
N GLY D 8 12.32 -21.22 8.26
CA GLY D 8 13.14 -21.38 9.50
C GLY D 8 12.39 -21.04 10.78
N GLN D 9 13.12 -20.54 11.77
CA GLN D 9 12.57 -20.16 13.08
C GLN D 9 12.29 -18.66 13.10
N ILE D 10 11.00 -18.30 13.24
CA ILE D 10 10.54 -16.90 13.21
C ILE D 10 9.94 -16.47 14.54
N GLN D 11 10.13 -15.20 14.90
CA GLN D 11 9.61 -14.64 16.15
C GLN D 11 8.12 -14.34 16.02
N LEU D 12 7.42 -14.24 17.15
CA LEU D 12 5.99 -13.92 17.17
C LEU D 12 5.75 -12.46 16.78
N TRP D 13 6.56 -11.55 17.31
CA TRP D 13 6.49 -10.13 16.94
C TRP D 13 6.70 -9.89 15.43
N GLN D 14 7.58 -10.69 14.81
CA GLN D 14 7.76 -10.66 13.35
C GLN D 14 6.51 -11.16 12.61
N PHE D 15 5.94 -12.25 13.11
CA PHE D 15 4.75 -12.86 12.52
C PHE D 15 3.52 -11.93 12.52
N LEU D 16 3.34 -11.19 13.62
CA LEU D 16 2.21 -10.24 13.72
C LEU D 16 2.37 -9.05 12.77
N LEU D 17 3.59 -8.53 12.65
CA LEU D 17 3.91 -7.48 11.67
C LEU D 17 3.78 -7.97 10.22
N GLU D 18 4.09 -9.26 10.00
CA GLU D 18 3.90 -9.89 8.69
C GLU D 18 2.44 -9.88 8.25
N LEU D 19 1.54 -10.23 9.18
CA LEU D 19 0.10 -10.17 8.93
C LEU D 19 -0.38 -8.72 8.79
N LEU D 20 0.09 -7.86 9.68
CA LEU D 20 -0.31 -6.44 9.70
C LEU D 20 0.15 -5.61 8.49
N SER D 21 1.18 -6.08 7.76
CA SER D 21 1.65 -5.40 6.55
C SER D 21 0.59 -5.40 5.45
N ASP D 22 0.02 -6.57 5.18
CA ASP D 22 -1.05 -6.72 4.20
C ASP D 22 -2.38 -6.34 4.83
N SER D 23 -3.16 -5.51 4.13
CA SER D 23 -4.51 -5.13 4.57
C SER D 23 -5.56 -6.21 4.32
N ALA D 24 -5.23 -7.20 3.48
CA ALA D 24 -6.09 -8.38 3.26
C ALA D 24 -6.36 -9.21 4.51
N ASN D 25 -5.46 -9.13 5.49
CA ASN D 25 -5.64 -9.81 6.78
C ASN D 25 -6.48 -9.01 7.81
N ALA D 26 -7.08 -7.90 7.38
CA ALA D 26 -7.98 -7.10 8.24
C ALA D 26 -9.12 -7.89 8.90
N SER D 27 -9.55 -8.98 8.25
CA SER D 27 -10.55 -9.90 8.81
C SER D 27 -10.15 -10.47 10.17
N CYS D 28 -8.86 -10.81 10.33
CA CYS D 28 -8.33 -11.37 11.59
C CYS D 28 -7.48 -10.42 12.44
N ILE D 29 -6.78 -9.47 11.81
CA ILE D 29 -5.94 -8.50 12.56
C ILE D 29 -5.66 -7.24 11.73
N THR D 30 -5.58 -6.09 12.41
CA THR D 30 -5.40 -4.81 11.73
C THR D 30 -4.84 -3.71 12.64
N TRP D 31 -4.20 -2.71 12.02
CA TRP D 31 -3.78 -1.50 12.73
C TRP D 31 -5.01 -0.68 13.07
N GLU D 32 -5.00 -0.06 14.25
CA GLU D 32 -6.03 0.91 14.64
C GLU D 32 -5.57 1.72 15.85
N GLY D 33 -5.72 3.04 15.75
CA GLY D 33 -5.33 3.96 16.83
C GLY D 33 -4.00 4.62 16.54
N THR D 34 -3.32 5.07 17.60
CA THR D 34 -2.04 5.76 17.48
C THR D 34 -0.93 4.82 16.99
N ASN D 35 0.24 5.39 16.67
CA ASN D 35 1.37 4.62 16.16
C ASN D 35 1.67 3.40 17.03
N GLY D 36 1.56 2.22 16.43
CA GLY D 36 1.84 0.95 17.12
C GLY D 36 0.61 0.15 17.55
N GLU D 37 -0.50 0.84 17.82
CA GLU D 37 -1.71 0.18 18.31
C GLU D 37 -2.38 -0.65 17.20
N PHE D 38 -2.69 -1.90 17.53
CA PHE D 38 -3.39 -2.82 16.62
C PHE D 38 -4.38 -3.66 17.41
N LYS D 39 -5.41 -4.15 16.73
CA LYS D 39 -6.41 -5.03 17.34
C LYS D 39 -6.55 -6.34 16.56
N MET D 40 -6.65 -7.45 17.29
CA MET D 40 -6.98 -8.75 16.71
C MET D 40 -8.50 -8.85 16.60
N THR D 41 -9.02 -8.74 15.39
CA THR D 41 -10.45 -8.79 15.14
C THR D 41 -11.00 -10.23 15.21
N ASP D 42 -10.14 -11.22 14.91
CA ASP D 42 -10.43 -12.64 15.11
C ASP D 42 -9.21 -13.28 15.78
N PRO D 43 -9.13 -13.20 17.12
CA PRO D 43 -7.95 -13.70 17.85
C PRO D 43 -7.68 -15.20 17.69
N ASP D 44 -8.75 -15.99 17.54
CA ASP D 44 -8.63 -17.44 17.35
C ASP D 44 -8.02 -17.77 15.99
N GLU D 45 -8.39 -17.01 14.96
CA GLU D 45 -7.85 -17.18 13.60
C GLU D 45 -6.37 -16.80 13.51
N VAL D 46 -5.97 -15.77 14.25
CA VAL D 46 -4.56 -15.34 14.29
C VAL D 46 -3.70 -16.43 14.95
N ALA D 47 -4.18 -16.94 16.10
CA ALA D 47 -3.52 -18.03 16.82
C ALA D 47 -3.43 -19.32 16.00
N ARG D 48 -4.48 -19.59 15.21
CA ARG D 48 -4.48 -20.75 14.31
C ARG D 48 -3.36 -20.69 13.29
N ARG D 49 -3.17 -19.52 12.68
CA ARG D 49 -2.07 -19.29 11.73
C ARG D 49 -0.69 -19.28 12.40
N TRP D 50 -0.65 -18.79 13.64
CA TRP D 50 0.59 -18.80 14.44
C TRP D 50 0.98 -20.23 14.82
N GLY D 51 0.00 -21.02 15.25
CA GLY D 51 0.19 -22.46 15.49
C GLY D 51 0.53 -23.23 14.23
N GLU D 52 -0.06 -22.81 13.11
CA GLU D 52 0.27 -23.36 11.78
C GLU D 52 1.72 -23.03 11.36
N ARG D 53 2.18 -21.81 11.68
CA ARG D 53 3.56 -21.38 11.37
C ARG D 53 4.61 -22.10 12.23
N LYS D 54 4.30 -22.31 13.51
CA LYS D 54 5.20 -22.99 14.45
C LYS D 54 5.04 -24.52 14.50
N SER D 55 4.09 -25.06 13.72
CA SER D 55 3.76 -26.50 13.71
C SER D 55 3.41 -26.99 15.12
N LYS D 56 2.43 -26.32 15.72
CA LYS D 56 2.02 -26.58 17.10
C LYS D 56 0.49 -26.42 17.19
N PRO D 57 -0.26 -27.42 16.65
CA PRO D 57 -1.71 -27.30 16.49
C PRO D 57 -2.54 -27.23 17.77
N ASN D 58 -1.94 -27.49 18.93
CA ASN D 58 -2.57 -27.22 20.23
C ASN D 58 -2.69 -25.72 20.56
N MET D 59 -2.01 -24.86 19.81
CA MET D 59 -2.01 -23.40 20.02
C MET D 59 -3.42 -22.77 20.00
N ASN D 60 -3.59 -21.75 20.83
CA ASN D 60 -4.81 -20.93 20.86
C ASN D 60 -4.47 -19.53 21.37
N TYR D 61 -5.45 -18.64 21.40
CA TYR D 61 -5.24 -17.28 21.89
C TYR D 61 -4.75 -17.23 23.34
N ASP D 62 -5.22 -18.15 24.17
CA ASP D 62 -4.79 -18.23 25.58
C ASP D 62 -3.27 -18.40 25.71
N LYS D 63 -2.70 -19.29 24.90
CA LYS D 63 -1.25 -19.52 24.87
C LYS D 63 -0.49 -18.43 24.10
N LEU D 64 -1.13 -17.86 23.09
CA LEU D 64 -0.56 -16.73 22.33
C LEU D 64 -0.47 -15.49 23.20
N SER D 65 -1.55 -15.17 23.91
CA SER D 65 -1.62 -13.99 24.76
C SER D 65 -0.56 -13.97 25.87
N ARG D 66 -0.22 -15.15 26.40
CA ARG D 66 0.85 -15.27 27.40
C ARG D 66 2.24 -14.99 26.81
N ALA D 67 2.45 -15.35 25.55
CA ALA D 67 3.68 -14.98 24.82
C ALA D 67 3.86 -13.47 24.75
N LEU D 68 2.74 -12.74 24.59
CA LEU D 68 2.76 -11.28 24.50
C LEU D 68 2.95 -10.55 25.85
N ARG D 69 2.87 -11.26 26.97
CA ARG D 69 3.11 -10.66 28.29
C ARG D 69 4.59 -10.72 28.71
N TYR D 70 5.34 -11.62 28.09
CA TYR D 70 6.82 -11.56 28.16
C TYR D 70 7.35 -10.33 27.44
N TYR D 71 6.68 -9.92 26.37
CA TYR D 71 7.03 -8.69 25.64
C TYR D 71 6.84 -7.40 26.44
N TYR D 72 6.04 -7.44 27.52
CA TYR D 72 5.89 -6.28 28.41
C TYR D 72 7.22 -5.93 29.09
N ASP D 73 7.92 -6.94 29.60
CA ASP D 73 9.20 -6.75 30.29
C ASP D 73 10.34 -6.38 29.33
N LYS D 74 10.35 -7.02 28.15
CA LYS D 74 11.33 -6.72 27.10
C LYS D 74 11.06 -5.38 26.37
N ASN D 75 9.89 -4.78 26.59
CA ASN D 75 9.48 -3.50 26.01
C ASN D 75 9.28 -3.56 24.49
N ILE D 76 8.85 -4.73 23.99
CA ILE D 76 8.50 -4.92 22.59
C ILE D 76 7.06 -4.47 22.34
N MET D 77 6.16 -4.74 23.28
CA MET D 77 4.79 -4.22 23.19
C MET D 77 4.11 -4.08 24.56
N THR D 78 2.89 -3.54 24.55
CA THR D 78 2.11 -3.30 25.77
C THR D 78 0.60 -3.39 25.47
N LYS D 79 -0.19 -3.70 26.49
CA LYS D 79 -1.64 -3.86 26.34
C LYS D 79 -2.37 -2.52 26.30
N VAL D 80 -3.27 -2.37 25.33
CA VAL D 80 -4.15 -1.21 25.26
C VAL D 80 -5.26 -1.44 26.28
N HIS D 81 -5.06 -0.90 27.48
CA HIS D 81 -5.98 -1.11 28.60
C HIS D 81 -7.37 -0.60 28.27
N GLY D 82 -8.36 -1.49 28.33
CA GLY D 82 -9.74 -1.13 28.04
C GLY D 82 -10.24 -1.66 26.70
N LYS D 83 -9.40 -1.57 25.67
CA LYS D 83 -9.77 -2.09 24.35
C LYS D 83 -9.42 -3.57 24.25
N ARG D 84 -10.36 -4.35 23.73
CA ARG D 84 -10.31 -5.80 23.76
C ARG D 84 -9.47 -6.35 22.61
N TYR D 85 -8.63 -7.33 22.91
CA TYR D 85 -7.71 -7.95 21.95
C TYR D 85 -6.78 -6.94 21.29
N ALA D 86 -6.44 -5.87 22.02
CA ALA D 86 -5.74 -4.72 21.48
C ALA D 86 -4.40 -4.51 22.18
N TYR D 87 -3.31 -4.72 21.44
CA TYR D 87 -1.95 -4.53 21.94
C TYR D 87 -1.26 -3.43 21.13
N LYS D 88 -0.20 -2.86 21.70
CA LYS D 88 0.53 -1.75 21.10
C LYS D 88 2.03 -2.04 21.07
N PHE D 89 2.58 -2.18 19.86
CA PHE D 89 4.04 -2.30 19.67
C PHE D 89 4.78 -1.08 20.23
N ASP D 90 6.01 -1.30 20.68
CA ASP D 90 6.87 -0.24 21.21
C ASP D 90 8.24 -0.33 20.54
N PHE D 91 8.66 0.78 19.91
CA PHE D 91 9.91 0.82 19.15
C PHE D 91 11.19 0.63 19.98
N HIS D 92 11.15 0.98 21.27
CA HIS D 92 12.32 0.87 22.16
C HIS D 92 12.87 -0.56 22.15
N GLY D 93 11.96 -1.53 22.35
CA GLY D 93 12.31 -2.96 22.30
C GLY D 93 12.48 -3.53 20.91
N ILE D 94 11.67 -3.07 19.95
CA ILE D 94 11.76 -3.52 18.56
C ILE D 94 13.13 -3.16 17.97
N ALA D 95 13.62 -1.96 18.28
CA ALA D 95 14.95 -1.52 17.88
C ALA D 95 16.04 -2.46 18.41
N GLN D 96 15.96 -2.78 19.70
CA GLN D 96 16.90 -3.70 20.35
C GLN D 96 16.78 -5.12 19.80
N ALA D 97 15.54 -5.61 19.73
CA ALA D 97 15.25 -6.97 19.26
C ALA D 97 15.50 -7.21 17.76
N LEU D 98 15.61 -6.13 16.98
CA LEU D 98 15.96 -6.24 15.56
C LEU D 98 17.43 -6.64 15.33
N GLN D 99 18.33 -6.10 16.16
CA GLN D 99 19.77 -6.40 16.05
C GLN D 99 20.11 -7.87 16.34
N PRO D 100 21.17 -8.40 15.70
CA PRO D 100 21.65 -9.75 16.00
C PRO D 100 22.60 -9.76 17.20
N GLY G 8 2.27 -16.40 -11.81
CA GLY G 8 1.15 -16.65 -12.76
C GLY G 8 1.35 -16.04 -14.14
N GLN G 9 0.33 -16.16 -14.98
CA GLN G 9 0.36 -15.67 -16.37
C GLN G 9 -0.14 -14.22 -16.44
N ILE G 10 0.75 -13.29 -16.09
CA ILE G 10 0.42 -11.86 -16.01
C ILE G 10 0.24 -11.23 -17.40
N GLN G 11 -0.65 -10.25 -17.48
CA GLN G 11 -0.95 -9.54 -18.73
C GLN G 11 -0.09 -8.29 -18.83
N LEU G 12 0.05 -7.76 -20.04
CA LEU G 12 0.83 -6.52 -20.27
C LEU G 12 0.14 -5.30 -19.66
N TRP G 13 -1.19 -5.22 -19.81
CA TRP G 13 -1.98 -4.14 -19.20
C TRP G 13 -1.95 -4.16 -17.67
N GLN G 14 -1.91 -5.35 -17.07
CA GLN G 14 -1.70 -5.50 -15.63
C GLN G 14 -0.28 -5.10 -15.21
N PHE G 15 0.71 -5.53 -16.00
CA PHE G 15 2.12 -5.22 -15.76
C PHE G 15 2.40 -3.71 -15.78
N LEU G 16 1.82 -3.01 -16.74
CA LEU G 16 2.02 -1.56 -16.86
C LEU G 16 1.38 -0.78 -15.70
N LEU G 17 0.22 -1.23 -15.24
CA LEU G 17 -0.40 -0.68 -14.03
C LEU G 17 0.45 -0.93 -12.78
N GLU G 18 1.06 -2.11 -12.71
CA GLU G 18 1.97 -2.46 -11.61
C GLU G 18 3.14 -1.48 -11.53
N LEU G 19 3.78 -1.24 -12.68
CA LEU G 19 4.90 -0.28 -12.75
C LEU G 19 4.44 1.16 -12.45
N LEU G 20 3.28 1.53 -12.99
CA LEU G 20 2.73 2.89 -12.81
C LEU G 20 2.31 3.20 -11.38
N SER G 21 1.84 2.19 -10.64
CA SER G 21 1.36 2.36 -9.27
C SER G 21 2.45 2.87 -8.31
N ASP G 22 3.66 2.33 -8.45
CA ASP G 22 4.82 2.77 -7.68
C ASP G 22 5.52 3.92 -8.40
N SER G 23 5.77 5.02 -7.68
CA SER G 23 6.45 6.19 -8.24
C SER G 23 7.97 6.04 -8.35
N ALA G 24 8.53 4.97 -7.77
CA ALA G 24 9.96 4.64 -7.95
C ALA G 24 10.31 4.28 -9.40
N ASN G 25 9.31 3.87 -10.18
CA ASN G 25 9.47 3.62 -11.63
C ASN G 25 9.30 4.88 -12.50
N ALA G 26 9.30 6.07 -11.91
CA ALA G 26 9.14 7.34 -12.64
C ALA G 26 10.17 7.59 -13.75
N SER G 27 11.36 7.02 -13.60
CA SER G 27 12.41 7.10 -14.63
C SER G 27 12.01 6.48 -15.97
N CYS G 28 11.31 5.34 -15.92
CA CYS G 28 10.93 4.60 -17.14
C CYS G 28 9.48 4.79 -17.59
N ILE G 29 8.55 4.97 -16.65
CA ILE G 29 7.12 5.13 -16.97
C ILE G 29 6.39 5.94 -15.90
N THR G 30 5.38 6.71 -16.30
CA THR G 30 4.67 7.61 -15.36
C THR G 30 3.32 8.10 -15.90
N TRP G 31 2.40 8.39 -14.97
CA TRP G 31 1.12 9.01 -15.30
C TRP G 31 1.37 10.46 -15.73
N GLU G 32 0.65 10.89 -16.76
CA GLU G 32 0.78 12.25 -17.29
C GLU G 32 -0.41 12.61 -18.16
N GLY G 33 -1.06 13.73 -17.86
CA GLY G 33 -2.23 14.21 -18.61
C GLY G 33 -3.54 13.83 -17.96
N THR G 34 -4.56 13.61 -18.79
CA THR G 34 -5.92 13.30 -18.28
C THR G 34 -5.99 11.87 -17.69
N ASN G 35 -7.13 11.56 -17.08
CA ASN G 35 -7.34 10.26 -16.43
C ASN G 35 -7.15 9.09 -17.40
N GLY G 36 -6.13 8.26 -17.12
CA GLY G 36 -5.76 7.13 -17.97
C GLY G 36 -4.49 7.34 -18.78
N GLU G 37 -4.12 8.60 -19.05
CA GLU G 37 -2.96 8.90 -19.89
C GLU G 37 -1.65 8.73 -19.13
N PHE G 38 -0.73 7.97 -19.72
CA PHE G 38 0.63 7.75 -19.19
C PHE G 38 1.64 7.78 -20.33
N LYS G 39 2.90 8.07 -19.99
CA LYS G 39 4.01 8.01 -20.96
C LYS G 39 5.19 7.20 -20.44
N MET G 40 5.86 6.52 -21.36
CA MET G 40 7.06 5.75 -21.06
C MET G 40 8.28 6.62 -21.32
N THR G 41 8.87 7.14 -20.25
CA THR G 41 10.06 8.02 -20.33
C THR G 41 11.36 7.28 -20.72
N ASP G 42 11.36 5.95 -20.62
CA ASP G 42 12.42 5.09 -21.17
C ASP G 42 11.79 3.81 -21.70
N PRO G 43 11.29 3.83 -22.96
CA PRO G 43 10.63 2.66 -23.57
C PRO G 43 11.47 1.39 -23.64
N ASP G 44 12.78 1.55 -23.80
CA ASP G 44 13.71 0.42 -23.83
C ASP G 44 13.81 -0.28 -22.47
N GLU G 45 13.79 0.51 -21.40
CA GLU G 45 13.81 -0.02 -20.03
C GLU G 45 12.52 -0.77 -19.69
N VAL G 46 11.38 -0.23 -20.12
CA VAL G 46 10.07 -0.86 -19.88
C VAL G 46 9.96 -2.19 -20.63
N ALA G 47 10.41 -2.20 -21.88
CA ALA G 47 10.39 -3.40 -22.72
C ALA G 47 11.30 -4.51 -22.19
N ARG G 48 12.41 -4.12 -21.57
CA ARG G 48 13.33 -5.07 -20.95
C ARG G 48 12.67 -5.80 -19.77
N ARG G 49 12.04 -5.04 -18.89
CA ARG G 49 11.37 -5.60 -17.71
C ARG G 49 10.18 -6.49 -18.05
N TRP G 50 9.51 -6.19 -19.17
CA TRP G 50 8.40 -7.02 -19.65
C TRP G 50 8.89 -8.37 -20.18
N GLY G 51 10.02 -8.37 -20.88
CA GLY G 51 10.69 -9.60 -21.31
C GLY G 51 11.22 -10.44 -20.14
N GLU G 52 11.67 -9.74 -19.09
CA GLU G 52 12.13 -10.38 -17.86
C GLU G 52 11.00 -11.17 -17.18
N ARG G 53 9.85 -10.51 -17.00
CA ARG G 53 8.68 -11.12 -16.36
C ARG G 53 8.12 -12.31 -17.16
N LYS G 54 8.12 -12.19 -18.48
CA LYS G 54 7.59 -13.25 -19.36
C LYS G 54 8.58 -14.36 -19.71
N SER G 55 9.85 -14.23 -19.27
CA SER G 55 10.94 -15.14 -19.66
C SER G 55 11.12 -15.14 -21.18
N LYS G 56 11.45 -13.95 -21.69
CA LYS G 56 11.56 -13.71 -23.13
C LYS G 56 12.50 -12.53 -23.39
N PRO G 57 13.83 -12.77 -23.34
CA PRO G 57 14.82 -11.68 -23.45
C PRO G 57 15.01 -11.07 -24.85
N ASN G 58 14.30 -11.57 -25.86
CA ASN G 58 14.25 -10.95 -27.19
C ASN G 58 13.28 -9.75 -27.29
N MET G 59 12.59 -9.43 -26.20
CA MET G 59 11.61 -8.34 -26.18
C MET G 59 12.28 -6.97 -26.35
N ASN G 60 11.62 -6.11 -27.14
CA ASN G 60 11.98 -4.70 -27.27
C ASN G 60 10.73 -3.84 -27.47
N TYR G 61 10.90 -2.53 -27.54
CA TYR G 61 9.74 -1.61 -27.64
C TYR G 61 8.91 -1.82 -28.91
N ASP G 62 9.57 -2.17 -30.02
CA ASP G 62 8.87 -2.44 -31.28
C ASP G 62 7.91 -3.64 -31.15
N LYS G 63 8.35 -4.69 -30.48
CA LYS G 63 7.52 -5.86 -30.20
C LYS G 63 6.48 -5.59 -29.10
N LEU G 64 6.85 -4.80 -28.10
CA LEU G 64 5.93 -4.41 -27.03
C LEU G 64 4.78 -3.56 -27.55
N SER G 65 5.08 -2.62 -28.45
CA SER G 65 4.07 -1.70 -28.99
C SER G 65 3.01 -2.41 -29.84
N ARG G 66 3.39 -3.45 -30.56
CA ARG G 66 2.43 -4.27 -31.31
C ARG G 66 1.53 -5.09 -30.38
N ALA G 67 2.03 -5.44 -29.20
CA ALA G 67 1.21 -6.06 -28.14
C ALA G 67 0.15 -5.09 -27.62
N LEU G 68 0.51 -3.82 -27.47
CA LEU G 68 -0.42 -2.75 -27.09
C LEU G 68 -1.45 -2.47 -28.18
N ARG G 69 -1.04 -2.62 -29.44
CA ARG G 69 -1.90 -2.34 -30.60
C ARG G 69 -3.18 -3.21 -30.64
N TYR G 70 -3.08 -4.46 -30.18
CA TYR G 70 -4.24 -5.36 -30.11
C TYR G 70 -5.31 -4.91 -29.10
N TYR G 71 -4.91 -4.15 -28.08
CA TYR G 71 -5.84 -3.55 -27.12
C TYR G 71 -6.77 -2.48 -27.71
N TYR G 72 -6.46 -1.98 -28.90
CA TYR G 72 -7.26 -0.94 -29.56
C TYR G 72 -8.62 -1.52 -29.92
N ASP G 73 -8.61 -2.70 -30.56
CA ASP G 73 -9.83 -3.41 -30.93
C ASP G 73 -10.54 -4.02 -29.71
N LYS G 74 -9.77 -4.40 -28.68
CA LYS G 74 -10.35 -4.86 -27.41
C LYS G 74 -10.89 -3.74 -26.51
N ASN G 75 -10.63 -2.48 -26.87
CA ASN G 75 -11.05 -1.30 -26.09
C ASN G 75 -10.36 -1.19 -24.72
N ILE G 76 -9.19 -1.79 -24.60
CA ILE G 76 -8.45 -1.84 -23.34
C ILE G 76 -7.61 -0.58 -23.17
N MET G 77 -6.98 -0.11 -24.26
CA MET G 77 -6.28 1.18 -24.25
C MET G 77 -6.16 1.78 -25.66
N THR G 78 -5.59 2.97 -25.73
CA THR G 78 -5.38 3.68 -27.00
C THR G 78 -4.13 4.56 -26.96
N LYS G 79 -3.70 5.03 -28.12
CA LYS G 79 -2.55 5.94 -28.22
C LYS G 79 -2.96 7.38 -27.90
N VAL G 80 -2.05 8.10 -27.26
CA VAL G 80 -2.12 9.56 -27.20
C VAL G 80 -1.47 10.05 -28.49
N HIS G 81 -2.28 10.50 -29.44
CA HIS G 81 -1.78 10.93 -30.75
C HIS G 81 -1.03 12.24 -30.60
N GLY G 82 0.26 12.24 -30.93
CA GLY G 82 1.09 13.44 -30.89
C GLY G 82 2.25 13.33 -29.91
N LYS G 83 1.94 12.98 -28.67
CA LYS G 83 2.96 12.78 -27.64
C LYS G 83 3.46 11.35 -27.74
N ARG G 84 4.73 11.17 -28.09
CA ARG G 84 5.27 9.84 -28.37
C ARG G 84 5.64 9.08 -27.10
N TYR G 85 5.58 7.76 -27.20
CA TYR G 85 5.72 6.83 -26.07
C TYR G 85 4.61 6.97 -25.02
N ALA G 86 3.46 7.53 -25.41
CA ALA G 86 2.38 7.87 -24.48
C ALA G 86 1.06 7.24 -24.91
N TYR G 87 0.44 6.49 -23.99
CA TYR G 87 -0.81 5.77 -24.25
C TYR G 87 -1.82 6.08 -23.16
N LYS G 88 -3.08 5.70 -23.40
CA LYS G 88 -4.19 5.97 -22.48
C LYS G 88 -5.01 4.71 -22.25
N PHE G 89 -5.04 4.24 -20.99
CA PHE G 89 -5.91 3.13 -20.59
C PHE G 89 -7.37 3.52 -20.76
N ASP G 90 -8.20 2.54 -21.10
CA ASP G 90 -9.64 2.75 -21.30
C ASP G 90 -10.41 1.77 -20.42
N PHE G 91 -11.18 2.30 -19.48
CA PHE G 91 -11.96 1.48 -18.53
C PHE G 91 -12.98 0.54 -19.17
N HIS G 92 -13.47 0.88 -20.36
CA HIS G 92 -14.46 0.05 -21.07
C HIS G 92 -13.98 -1.39 -21.26
N GLY G 93 -12.75 -1.54 -21.76
CA GLY G 93 -12.13 -2.86 -21.97
C GLY G 93 -11.43 -3.44 -20.75
N ILE G 94 -10.83 -2.57 -19.93
CA ILE G 94 -10.17 -2.97 -18.68
C ILE G 94 -11.17 -3.67 -17.76
N ALA G 95 -12.36 -3.08 -17.61
CA ALA G 95 -13.43 -3.65 -16.80
C ALA G 95 -13.86 -5.04 -17.27
N GLN G 96 -13.97 -5.20 -18.60
CA GLN G 96 -14.29 -6.50 -19.20
C GLN G 96 -13.14 -7.51 -19.06
N ALA G 97 -11.91 -7.03 -19.25
CA ALA G 97 -10.71 -7.85 -19.07
C ALA G 97 -10.44 -8.24 -17.61
N LEU G 98 -10.96 -7.45 -16.67
CA LEU G 98 -10.84 -7.73 -15.24
C LEU G 98 -11.63 -8.97 -14.82
N GLN G 99 -12.79 -9.20 -15.45
CA GLN G 99 -13.59 -10.41 -15.22
C GLN G 99 -12.98 -11.63 -15.93
N PRO G 100 -13.28 -12.84 -15.43
CA PRO G 100 -12.76 -14.06 -16.06
C PRO G 100 -13.57 -14.47 -17.30
N GLY J 8 26.27 -5.57 4.32
CA GLY J 8 25.24 -5.49 3.25
C GLY J 8 24.74 -4.08 2.98
N GLN J 9 23.87 -3.96 1.98
CA GLN J 9 23.30 -2.67 1.58
C GLN J 9 22.21 -2.25 2.57
N ILE J 10 22.63 -1.68 3.69
CA ILE J 10 21.73 -1.32 4.80
C ILE J 10 20.88 -0.08 4.47
N GLN J 11 19.66 -0.08 4.96
CA GLN J 11 18.74 1.05 4.78
C GLN J 11 19.01 2.13 5.82
N LEU J 12 18.60 3.36 5.52
CA LEU J 12 18.75 4.50 6.45
C LEU J 12 17.87 4.32 7.69
N TRP J 13 16.62 3.90 7.48
CA TRP J 13 15.69 3.63 8.59
C TRP J 13 16.17 2.51 9.52
N GLN J 14 16.83 1.49 8.96
CA GLN J 14 17.47 0.44 9.76
C GLN J 14 18.65 0.98 10.55
N PHE J 15 19.47 1.81 9.90
CA PHE J 15 20.64 2.42 10.52
C PHE J 15 20.29 3.31 11.72
N LEU J 16 19.22 4.08 11.59
CA LEU J 16 18.76 4.95 12.68
C LEU J 16 18.23 4.16 13.88
N LEU J 17 17.55 3.04 13.61
CA LEU J 17 17.12 2.12 14.67
C LEU J 17 18.31 1.43 15.35
N GLU J 18 19.36 1.12 14.57
CA GLU J 18 20.59 0.55 15.11
C GLU J 18 21.25 1.48 16.13
N LEU J 19 21.37 2.75 15.79
CA LEU J 19 21.93 3.77 16.69
C LEU J 19 21.05 4.00 17.92
N LEU J 20 19.73 3.99 17.72
CA LEU J 20 18.76 4.22 18.80
C LEU J 20 18.69 3.10 19.84
N SER J 21 19.05 1.87 19.45
CA SER J 21 19.05 0.72 20.37
C SER J 21 20.13 0.81 21.47
N ASP J 22 21.25 1.47 21.15
CA ASP J 22 22.35 1.68 22.11
C ASP J 22 22.26 3.08 22.71
N SER J 23 22.07 3.15 24.02
CA SER J 23 21.97 4.44 24.74
C SER J 23 23.31 5.18 24.89
N ALA J 24 24.43 4.49 24.65
CA ALA J 24 25.74 5.13 24.58
C ALA J 24 25.88 6.16 23.45
N ASN J 25 25.02 6.07 22.43
CA ASN J 25 24.93 7.08 21.37
C ASN J 25 23.96 8.25 21.69
N ALA J 26 23.60 8.42 22.97
CA ALA J 26 22.64 9.47 23.38
C ALA J 26 23.06 10.90 23.05
N SER J 27 24.37 11.15 22.91
CA SER J 27 24.89 12.46 22.53
C SER J 27 24.49 12.90 21.12
N CYS J 28 24.41 11.95 20.18
CA CYS J 28 24.05 12.24 18.78
C CYS J 28 22.59 11.97 18.43
N ILE J 29 22.02 10.88 18.97
CA ILE J 29 20.63 10.49 18.69
C ILE J 29 20.01 9.71 19.84
N THR J 30 18.70 9.90 20.06
CA THR J 30 18.01 9.27 21.19
C THR J 30 16.47 9.32 21.05
N TRP J 31 15.79 8.35 21.65
CA TRP J 31 14.33 8.35 21.73
C TRP J 31 13.87 9.51 22.60
N GLU J 32 12.80 10.19 22.19
CA GLU J 32 12.23 11.29 22.97
C GLU J 32 10.78 11.56 22.56
N GLY J 33 9.87 11.55 23.53
CA GLY J 33 8.44 11.77 23.30
C GLY J 33 7.64 10.49 23.27
N THR J 34 6.60 10.45 22.45
CA THR J 34 5.72 9.28 22.36
C THR J 34 6.36 8.16 21.53
N ASN J 35 5.69 7.01 21.46
CA ASN J 35 6.17 5.83 20.73
C ASN J 35 6.53 6.13 19.26
N GLY J 36 7.82 6.00 18.94
CA GLY J 36 8.33 6.26 17.59
C GLY J 36 9.13 7.55 17.44
N GLU J 37 8.83 8.55 18.29
CA GLU J 37 9.46 9.86 18.19
C GLU J 37 10.90 9.83 18.71
N PHE J 38 11.82 10.39 17.91
CA PHE J 38 13.24 10.51 18.27
C PHE J 38 13.81 11.83 17.76
N LYS J 39 14.85 12.33 18.42
CA LYS J 39 15.55 13.55 18.01
C LYS J 39 17.04 13.29 17.77
N MET J 40 17.62 14.06 16.85
CA MET J 40 19.06 14.01 16.59
C MET J 40 19.74 15.14 17.36
N THR J 41 20.34 14.81 18.50
CA THR J 41 21.04 15.80 19.33
C THR J 41 22.37 16.29 18.71
N ASP J 42 22.88 15.57 17.71
CA ASP J 42 23.96 16.06 16.84
C ASP J 42 23.72 15.55 15.41
N PRO J 43 22.94 16.31 14.61
CA PRO J 43 22.62 15.91 13.23
C PRO J 43 23.84 15.73 12.34
N ASP J 44 24.86 16.58 12.52
CA ASP J 44 26.11 16.52 11.77
C ASP J 44 26.85 15.20 12.04
N GLU J 45 26.82 14.75 13.30
CA GLU J 45 27.43 13.48 13.70
C GLU J 45 26.70 12.28 13.10
N VAL J 46 25.36 12.34 13.07
CA VAL J 46 24.53 11.27 12.50
C VAL J 46 24.72 11.18 10.98
N ALA J 47 24.80 12.34 10.32
CA ALA J 47 25.08 12.41 8.88
C ALA J 47 26.48 11.92 8.53
N ARG J 48 27.45 12.24 9.38
CA ARG J 48 28.85 11.81 9.20
C ARG J 48 28.98 10.29 9.33
N ARG J 49 28.40 9.73 10.39
CA ARG J 49 28.38 8.27 10.60
C ARG J 49 27.67 7.53 9.47
N TRP J 50 26.58 8.10 8.98
CA TRP J 50 25.83 7.54 7.84
C TRP J 50 26.65 7.56 6.54
N GLY J 51 27.47 8.58 6.37
CA GLY J 51 28.42 8.65 5.26
C GLY J 51 29.48 7.56 5.30
N GLU J 52 29.97 7.23 6.49
CA GLU J 52 31.00 6.20 6.67
C GLU J 52 30.49 4.79 6.35
N ARG J 53 29.27 4.49 6.77
CA ARG J 53 28.64 3.18 6.51
C ARG J 53 28.33 2.99 5.02
N LYS J 54 27.79 4.02 4.39
CA LYS J 54 27.48 3.98 2.95
C LYS J 54 28.70 4.15 2.03
N SER J 55 29.84 4.54 2.58
CA SER J 55 31.08 4.82 1.83
C SER J 55 30.89 6.03 0.90
N LYS J 56 30.35 7.11 1.47
CA LYS J 56 30.08 8.35 0.74
C LYS J 56 30.46 9.53 1.65
N PRO J 57 31.71 10.01 1.53
CA PRO J 57 32.22 11.02 2.47
C PRO J 57 31.64 12.44 2.33
N ASN J 58 30.90 12.73 1.27
CA ASN J 58 30.24 14.04 1.07
C ASN J 58 28.83 14.15 1.70
N MET J 59 28.43 13.16 2.51
CA MET J 59 27.12 13.16 3.15
C MET J 59 27.04 14.23 4.26
N ASN J 60 25.93 14.97 4.27
CA ASN J 60 25.63 15.95 5.33
C ASN J 60 24.16 15.86 5.72
N TYR J 61 23.75 16.65 6.72
CA TYR J 61 22.37 16.59 7.23
C TYR J 61 21.32 17.02 6.19
N ASP J 62 21.65 18.00 5.35
CA ASP J 62 20.72 18.47 4.30
C ASP J 62 20.41 17.40 3.28
N LYS J 63 21.41 16.58 2.93
CA LYS J 63 21.23 15.43 2.04
C LYS J 63 20.51 14.28 2.74
N LEU J 64 20.88 14.02 3.99
CA LEU J 64 20.24 12.96 4.79
C LEU J 64 18.77 13.27 5.08
N SER J 65 18.46 14.54 5.35
CA SER J 65 17.07 14.96 5.59
C SER J 65 16.16 14.74 4.38
N ARG J 66 16.71 14.87 3.17
CA ARG J 66 15.95 14.60 1.94
C ARG J 66 15.68 13.11 1.74
N ALA J 67 16.58 12.25 2.21
CA ALA J 67 16.34 10.80 2.25
C ALA J 67 15.14 10.47 3.16
N LEU J 68 15.05 11.17 4.30
CA LEU J 68 13.93 11.01 5.23
C LEU J 68 12.60 11.55 4.70
N ARG J 69 12.65 12.58 3.85
CA ARG J 69 11.42 13.12 3.24
C ARG J 69 10.74 12.16 2.25
N TYR J 70 11.51 11.24 1.67
CA TYR J 70 10.93 10.16 0.85
C TYR J 70 10.13 9.15 1.67
N TYR J 71 10.50 8.96 2.94
CA TYR J 71 9.74 8.11 3.88
C TYR J 71 8.35 8.64 4.26
N TYR J 72 8.02 9.88 3.90
CA TYR J 72 6.71 10.47 4.22
C TYR J 72 5.60 9.79 3.43
N ASP J 73 5.78 9.71 2.11
CA ASP J 73 4.82 9.05 1.22
C ASP J 73 4.81 7.53 1.37
N LYS J 74 5.92 6.95 1.84
CA LYS J 74 5.98 5.51 2.17
C LYS J 74 5.35 5.14 3.52
N ASN J 75 4.97 6.14 4.32
CA ASN J 75 4.43 5.95 5.68
C ASN J 75 5.41 5.22 6.61
N ILE J 76 6.71 5.44 6.38
CA ILE J 76 7.78 4.81 7.16
C ILE J 76 8.15 5.71 8.35
N MET J 77 8.19 7.03 8.11
CA MET J 77 8.29 8.00 9.20
C MET J 77 7.73 9.37 8.81
N THR J 78 7.63 10.24 9.81
CA THR J 78 7.06 11.58 9.66
C THR J 78 7.79 12.57 10.57
N LYS J 79 7.81 13.84 10.18
CA LYS J 79 8.46 14.89 10.99
C LYS J 79 7.62 15.25 12.20
N VAL J 80 8.28 15.39 13.36
CA VAL J 80 7.66 15.95 14.55
C VAL J 80 7.62 17.46 14.31
N HIS J 81 6.41 17.97 14.03
CA HIS J 81 6.26 19.36 13.62
C HIS J 81 6.44 20.27 14.83
N GLY J 82 7.38 21.21 14.74
CA GLY J 82 7.69 22.14 15.84
C GLY J 82 9.05 21.87 16.43
N LYS J 83 9.23 20.66 16.97
CA LYS J 83 10.52 20.25 17.53
C LYS J 83 11.49 19.99 16.39
N ARG J 84 12.64 20.67 16.42
CA ARG J 84 13.59 20.66 15.32
C ARG J 84 14.58 19.51 15.44
N TYR J 85 14.97 18.96 14.29
CA TYR J 85 15.81 17.75 14.17
C TYR J 85 15.13 16.51 14.78
N ALA J 86 13.79 16.51 14.80
CA ALA J 86 13.02 15.46 15.50
C ALA J 86 12.06 14.80 14.53
N TYR J 87 12.18 13.47 14.40
CA TYR J 87 11.36 12.67 13.48
C TYR J 87 10.63 11.57 14.25
N LYS J 88 9.70 10.90 13.58
CA LYS J 88 8.85 9.89 14.22
C LYS J 88 8.65 8.70 13.29
N PHE J 89 9.19 7.54 13.67
CA PHE J 89 8.94 6.28 12.95
C PHE J 89 7.45 5.93 12.95
N ASP J 90 7.02 5.24 11.89
CA ASP J 90 5.62 4.86 11.70
C ASP J 90 5.53 3.38 11.34
N PHE J 91 4.79 2.62 12.14
CA PHE J 91 4.72 1.15 12.00
C PHE J 91 4.03 0.65 10.72
N HIS J 92 3.24 1.50 10.06
CA HIS J 92 2.55 1.11 8.83
C HIS J 92 3.55 0.79 7.72
N GLY J 93 4.49 1.70 7.49
CA GLY J 93 5.54 1.53 6.49
C GLY J 93 6.67 0.62 6.92
N ILE J 94 7.04 0.68 8.21
CA ILE J 94 8.10 -0.18 8.77
C ILE J 94 7.74 -1.67 8.64
N ALA J 95 6.47 -1.99 8.86
CA ALA J 95 5.97 -3.37 8.71
C ALA J 95 6.07 -3.87 7.27
N GLN J 96 5.65 -3.03 6.32
CA GLN J 96 5.73 -3.35 4.89
C GLN J 96 7.19 -3.41 4.40
N ALA J 97 8.01 -2.48 4.87
CA ALA J 97 9.44 -2.42 4.52
C ALA J 97 10.27 -3.58 5.08
N LEU J 98 9.79 -4.21 6.16
CA LEU J 98 10.50 -5.33 6.78
C LEU J 98 10.37 -6.65 6.01
N GLN J 99 9.27 -6.83 5.26
CA GLN J 99 9.08 -8.03 4.44
C GLN J 99 9.97 -8.03 3.19
N PRO J 100 10.24 -9.24 2.62
CA PRO J 100 10.96 -9.35 1.35
C PRO J 100 10.02 -9.18 0.15
CA CA M . -12.69 4.53 12.77
CA CA N . -29.83 14.08 7.20
CA CA O . -20.42 18.72 10.24
CA CA P . -8.49 -20.94 34.96
CA CA Q . -0.56 -16.62 40.90
CA CA R . -0.11 -4.02 -44.72
CA CA S . 10.73 -0.91 -40.98
CA CA T . 9.66 24.25 -6.06
#